data_7B2S
#
_entry.id   7B2S
#
_cell.length_a   61.620
_cell.length_b   45.280
_cell.length_c   57.657
_cell.angle_alpha   90.000
_cell.angle_beta   106.960
_cell.angle_gamma   90.000
#
_symmetry.space_group_name_H-M   'C 1 2 1'
#
loop_
_entity.id
_entity.type
_entity.pdbx_description
1 polymer 'E3 ubiquitin-protein ligase TRIM9'
2 non-polymer 'SULFATE ION'
3 water water
#
_entity_poly.entity_id   1
_entity_poly.type   'polypeptide(L)'
_entity_poly.pdbx_seq_one_letter_code
;SMVAWFAFDPGSAHSDIILSNDNLTVTCSSYDDRVVLGKTGFSKGIHYWELTVDRYDNHPDPAFGVARMDVMKDVMLGKD
DKAWAMYVDNNRSWFMHNNSHTNRTEGGITKGATIGVLLDFNRKNLTFFINDEQQGPIAFDNVEGLFFPAVSLNRNVQVT
LHTGLPVPDFYSSRASIA
;
_entity_poly.pdbx_strand_id   A
#
# COMPACT_ATOMS: atom_id res chain seq x y z
N SER A 1 -0.97 13.13 -19.41
CA SER A 1 -2.32 12.78 -18.90
C SER A 1 -2.52 13.43 -17.54
N MET A 2 -3.75 13.74 -17.20
CA MET A 2 -4.10 14.25 -15.87
C MET A 2 -3.81 13.18 -14.77
N VAL A 3 -4.01 11.91 -15.07
CA VAL A 3 -3.71 10.78 -14.12
C VAL A 3 -2.25 10.34 -14.33
N ALA A 4 -1.65 9.69 -13.35
CA ALA A 4 -0.27 9.14 -13.45
C ALA A 4 -0.41 7.66 -13.73
N TRP A 5 0.31 7.17 -14.68
CA TRP A 5 0.44 5.73 -14.95
C TRP A 5 1.81 5.31 -14.44
N PHE A 6 1.88 4.29 -13.61
CA PHE A 6 3.17 3.74 -13.14
C PHE A 6 3.01 2.27 -12.84
N ALA A 7 4.14 1.64 -12.56
CA ALA A 7 4.22 0.25 -12.14
C ALA A 7 5.10 0.19 -10.89
N PHE A 8 5.30 -0.99 -10.35
CA PHE A 8 6.29 -1.19 -9.29
C PHE A 8 7.70 -1.11 -9.86
N ASP A 9 8.63 -0.75 -8.98
CA ASP A 9 10.07 -0.59 -9.30
C ASP A 9 10.76 -1.87 -8.88
N PRO A 10 11.26 -2.68 -9.81
CA PRO A 10 12.02 -3.86 -9.43
C PRO A 10 13.27 -3.58 -8.59
N GLY A 11 13.84 -2.40 -8.73
CA GLY A 11 15.04 -2.03 -7.95
C GLY A 11 14.71 -1.69 -6.52
N SER A 12 13.46 -1.49 -6.20
CA SER A 12 13.05 -1.13 -4.83
C SER A 12 12.74 -2.39 -4.04
N ALA A 13 12.60 -3.54 -4.72
CA ALA A 13 11.98 -4.71 -4.11
C ALA A 13 12.98 -5.47 -3.26
N HIS A 14 12.52 -5.98 -2.13
CA HIS A 14 13.29 -7.07 -1.46
C HIS A 14 13.57 -8.21 -2.45
N SER A 15 14.62 -8.98 -2.20
CA SER A 15 14.97 -10.14 -3.07
CA SER A 15 14.98 -10.16 -3.04
C SER A 15 13.83 -11.17 -3.11
N ASP A 16 13.02 -11.31 -2.06
CA ASP A 16 11.97 -12.39 -2.02
C ASP A 16 10.70 -11.94 -2.78
N ILE A 17 10.58 -10.67 -3.13
CA ILE A 17 9.40 -10.17 -3.89
C ILE A 17 9.44 -10.79 -5.29
N ILE A 18 8.28 -11.20 -5.78
CA ILE A 18 8.10 -11.67 -7.17
C ILE A 18 7.20 -10.69 -7.89
N LEU A 19 7.78 -9.97 -8.86
CA LEU A 19 7.03 -9.05 -9.72
C LEU A 19 6.71 -9.75 -11.02
N SER A 20 5.52 -9.55 -11.53
CA SER A 20 5.10 -10.12 -12.81
C SER A 20 4.17 -9.16 -13.52
N ASN A 21 3.70 -9.51 -14.69
CA ASN A 21 2.63 -8.76 -15.35
C ASN A 21 3.07 -7.29 -15.56
N ASP A 22 4.22 -7.05 -16.20
CA ASP A 22 4.71 -5.70 -16.51
C ASP A 22 4.93 -4.95 -15.20
N ASN A 23 5.40 -5.68 -14.19
CA ASN A 23 5.67 -5.12 -12.84
C ASN A 23 4.43 -4.52 -12.21
N LEU A 24 3.25 -5.00 -12.56
CA LEU A 24 1.97 -4.54 -11.97
C LEU A 24 1.46 -5.54 -10.97
N THR A 25 1.92 -6.76 -10.95
CA THR A 25 1.45 -7.78 -10.00
C THR A 25 2.60 -8.17 -9.12
N VAL A 26 2.31 -8.34 -7.84
CA VAL A 26 3.36 -8.68 -6.87
C VAL A 26 2.87 -9.76 -5.92
N THR A 27 3.79 -10.64 -5.61
CA THR A 27 3.65 -11.57 -4.48
C THR A 27 5.06 -11.73 -3.89
N CYS A 28 5.22 -12.74 -3.04
CA CYS A 28 6.45 -12.93 -2.29
C CYS A 28 6.68 -14.42 -2.19
N SER A 29 7.94 -14.84 -2.11
CA SER A 29 8.25 -16.30 -1.90
C SER A 29 8.28 -16.66 -0.41
N SER A 30 8.38 -15.70 0.48
CA SER A 30 8.64 -15.91 1.92
C SER A 30 7.33 -15.86 2.67
N TYR A 31 7.26 -16.51 3.84
CA TYR A 31 6.25 -16.29 4.86
CA TYR A 31 6.13 -16.22 4.79
C TYR A 31 6.40 -14.91 5.51
N ASP A 32 7.60 -14.38 5.46
CA ASP A 32 7.89 -13.03 6.04
C ASP A 32 7.40 -11.96 5.07
N ASP A 33 6.82 -10.91 5.60
CA ASP A 33 6.37 -9.74 4.81
C ASP A 33 7.60 -9.01 4.24
N ARG A 34 7.52 -8.63 2.98
CA ARG A 34 8.59 -7.93 2.26
C ARG A 34 7.97 -6.79 1.46
N VAL A 35 8.79 -5.82 1.10
CA VAL A 35 8.34 -4.53 0.52
C VAL A 35 8.67 -4.44 -0.96
N VAL A 36 7.79 -3.77 -1.67
CA VAL A 36 8.12 -3.18 -2.98
C VAL A 36 7.50 -1.77 -3.07
N LEU A 37 8.13 -0.89 -3.85
CA LEU A 37 7.65 0.49 -4.05
C LEU A 37 7.24 0.70 -5.48
N GLY A 38 6.39 1.69 -5.66
CA GLY A 38 6.10 2.25 -6.98
C GLY A 38 7.31 2.96 -7.56
N LYS A 39 7.40 3.01 -8.87
CA LYS A 39 8.53 3.66 -9.56
C LYS A 39 8.39 5.20 -9.53
N THR A 40 7.18 5.75 -9.51
CA THR A 40 6.96 7.22 -9.48
C THR A 40 6.88 7.73 -8.04
N GLY A 41 7.69 8.68 -7.72
CA GLY A 41 7.60 9.39 -6.44
C GLY A 41 6.74 10.64 -6.55
N PHE A 42 6.04 10.97 -5.49
CA PHE A 42 5.17 12.17 -5.42
C PHE A 42 5.63 13.08 -4.29
N SER A 43 5.57 14.39 -4.51
CA SER A 43 5.99 15.37 -3.50
C SER A 43 5.03 16.54 -3.43
N LYS A 44 3.98 16.55 -4.23
CA LYS A 44 3.00 17.65 -4.25
C LYS A 44 1.72 17.14 -4.88
N GLY A 45 0.64 17.91 -4.76
CA GLY A 45 -0.64 17.59 -5.38
C GLY A 45 -1.36 16.50 -4.63
N ILE A 46 -2.28 15.88 -5.30
CA ILE A 46 -3.15 14.83 -4.74
C ILE A 46 -3.19 13.67 -5.69
N HIS A 47 -3.01 12.48 -5.16
CA HIS A 47 -2.82 11.26 -5.97
C HIS A 47 -3.55 10.10 -5.35
N TYR A 48 -4.22 9.32 -6.17
CA TYR A 48 -4.98 8.13 -5.79
C TYR A 48 -4.58 6.96 -6.65
N TRP A 49 -4.36 5.82 -6.03
CA TRP A 49 -4.15 4.54 -6.75
C TRP A 49 -4.82 3.42 -5.99
N GLU A 50 -4.93 2.27 -6.61
CA GLU A 50 -5.63 1.11 -6.03
C GLU A 50 -4.81 -0.14 -6.20
N LEU A 51 -4.96 -1.04 -5.27
CA LEU A 51 -4.46 -2.44 -5.34
C LEU A 51 -5.67 -3.36 -5.36
N THR A 52 -5.69 -4.33 -6.26
CA THR A 52 -6.69 -5.42 -6.24
C THR A 52 -6.06 -6.64 -5.58
N VAL A 53 -6.81 -7.26 -4.70
CA VAL A 53 -6.35 -8.48 -3.98
C VAL A 53 -6.66 -9.66 -4.86
N ASP A 54 -5.67 -10.19 -5.54
CA ASP A 54 -5.83 -11.34 -6.45
C ASP A 54 -5.95 -12.63 -5.65
N ARG A 55 -5.25 -12.71 -4.53
CA ARG A 55 -5.16 -13.94 -3.72
C ARG A 55 -5.01 -13.51 -2.27
N TYR A 56 -5.78 -14.12 -1.39
CA TYR A 56 -5.72 -13.90 0.06
C TYR A 56 -5.99 -15.21 0.75
N ASP A 57 -4.91 -15.91 1.08
CA ASP A 57 -4.96 -17.25 1.72
C ASP A 57 -4.57 -17.14 3.20
N ASN A 58 -5.17 -17.97 4.06
CA ASN A 58 -4.96 -17.86 5.52
C ASN A 58 -5.35 -16.46 6.00
N HIS A 59 -4.63 -15.88 6.95
CA HIS A 59 -5.10 -14.63 7.63
C HIS A 59 -3.96 -13.64 7.79
N PRO A 60 -3.20 -13.36 6.72
CA PRO A 60 -2.08 -12.46 6.84
C PRO A 60 -2.52 -10.98 6.92
N ASP A 61 -1.55 -10.13 7.14
CA ASP A 61 -1.73 -8.67 7.29
C ASP A 61 -0.91 -7.94 6.24
N PRO A 62 -1.21 -8.08 4.95
CA PRO A 62 -0.57 -7.25 3.95
C PRO A 62 -0.80 -5.77 4.30
N ALA A 63 0.15 -4.94 3.91
CA ALA A 63 0.12 -3.49 4.22
C ALA A 63 0.28 -2.68 2.95
N PHE A 64 -0.36 -1.51 2.99
CA PHE A 64 -0.51 -0.62 1.84
C PHE A 64 -0.24 0.80 2.33
N GLY A 65 0.52 1.58 1.63
CA GLY A 65 0.69 2.97 2.03
C GLY A 65 1.71 3.68 1.20
N VAL A 66 2.57 4.44 1.84
CA VAL A 66 3.61 5.24 1.20
C VAL A 66 4.89 5.08 2.00
N ALA A 67 6.00 5.29 1.36
CA ALA A 67 7.28 5.14 2.03
C ALA A 67 8.32 6.02 1.42
N ARG A 68 9.36 6.28 2.20
CA ARG A 68 10.58 6.86 1.68
C ARG A 68 11.35 5.82 0.88
N MET A 69 12.18 6.28 -0.04
CA MET A 69 12.98 5.37 -0.87
C MET A 69 13.85 4.44 0.00
N ASP A 70 14.29 4.85 1.19
CA ASP A 70 15.21 4.03 2.01
C ASP A 70 14.48 3.31 3.14
N VAL A 71 13.17 3.10 3.01
CA VAL A 71 12.43 2.26 3.97
C VAL A 71 13.07 0.86 4.10
N MET A 72 12.99 0.26 5.28
CA MET A 72 13.36 -1.17 5.45
CA MET A 72 13.33 -1.18 5.47
C MET A 72 12.57 -2.00 4.43
N LYS A 73 13.22 -2.89 3.69
CA LYS A 73 12.52 -3.67 2.66
C LYS A 73 12.12 -5.05 3.18
N ASP A 74 12.53 -5.44 4.40
CA ASP A 74 12.38 -6.83 4.83
C ASP A 74 11.36 -7.00 5.93
N VAL A 75 10.57 -5.98 6.25
CA VAL A 75 9.53 -6.02 7.30
C VAL A 75 8.26 -5.31 6.83
N MET A 76 7.17 -5.56 7.51
CA MET A 76 5.86 -4.90 7.26
CA MET A 76 5.87 -4.91 7.22
C MET A 76 6.06 -3.40 7.13
N LEU A 77 5.35 -2.77 6.22
CA LEU A 77 5.32 -1.30 6.16
C LEU A 77 4.81 -0.73 7.46
N GLY A 78 5.54 0.23 7.99
CA GLY A 78 5.18 0.99 9.19
C GLY A 78 5.90 0.44 10.40
N LYS A 79 6.70 -0.61 10.28
CA LYS A 79 7.54 -1.09 11.40
C LYS A 79 8.63 -0.09 11.64
N ASP A 80 9.14 0.57 10.63
CA ASP A 80 10.15 1.64 10.79
C ASP A 80 9.51 3.05 10.69
N ASP A 81 10.35 4.09 10.66
CA ASP A 81 9.84 5.48 10.66
C ASP A 81 9.81 6.02 9.23
N LYS A 82 9.91 5.15 8.22
CA LYS A 82 10.00 5.59 6.83
C LYS A 82 8.80 5.11 6.00
N ALA A 83 7.78 4.57 6.62
CA ALA A 83 6.56 4.20 5.92
C ALA A 83 5.35 4.50 6.79
N TRP A 84 4.24 4.81 6.17
CA TRP A 84 2.93 5.15 6.75
C TRP A 84 1.95 4.26 6.04
N ALA A 85 1.31 3.34 6.73
CA ALA A 85 0.57 2.29 6.04
C ALA A 85 -0.70 1.90 6.76
N MET A 86 -1.54 1.17 6.08
CA MET A 86 -2.65 0.40 6.64
C MET A 86 -2.35 -1.05 6.42
N TYR A 87 -2.41 -1.88 7.45
CA TYR A 87 -2.41 -3.34 7.25
C TYR A 87 -3.77 -3.87 7.55
N VAL A 88 -4.16 -4.96 6.90
CA VAL A 88 -5.56 -5.41 6.94
C VAL A 88 -5.61 -6.90 6.71
N ASP A 89 -6.42 -7.59 7.49
CA ASP A 89 -6.70 -9.03 7.30
C ASP A 89 -8.14 -9.20 6.85
N ASN A 90 -8.69 -10.37 7.07
CA ASN A 90 -10.08 -10.68 6.66
C ASN A 90 -11.08 -9.89 7.50
N ASN A 91 -10.71 -9.36 8.69
CA ASN A 91 -11.66 -8.82 9.70
C ASN A 91 -11.54 -7.30 9.94
N ARG A 92 -10.35 -6.73 9.82
CA ARG A 92 -10.09 -5.44 10.46
C ARG A 92 -8.78 -4.86 9.93
N SER A 93 -8.64 -3.56 10.02
CA SER A 93 -7.39 -2.88 9.68
C SER A 93 -6.84 -2.16 10.89
N TRP A 94 -5.55 -1.85 10.81
CA TRP A 94 -4.85 -0.88 11.66
C TRP A 94 -4.03 0.03 10.79
N PHE A 95 -3.72 1.23 11.27
CA PHE A 95 -2.68 2.07 10.66
C PHE A 95 -1.40 1.93 11.43
N MET A 96 -0.27 2.01 10.75
CA MET A 96 1.05 1.75 11.37
C MET A 96 2.09 2.72 10.86
N HIS A 97 2.92 3.17 11.76
CA HIS A 97 4.09 4.04 11.50
C HIS A 97 4.98 3.96 12.71
N ASN A 98 6.28 3.79 12.50
CA ASN A 98 7.27 3.78 13.58
C ASN A 98 6.93 2.69 14.61
N ASN A 99 6.34 1.60 14.19
CA ASN A 99 5.93 0.45 15.05
C ASN A 99 4.80 0.84 16.01
N SER A 100 4.13 1.95 15.76
CA SER A 100 2.96 2.41 16.49
C SER A 100 1.68 2.01 15.71
N HIS A 101 0.78 1.28 16.33
CA HIS A 101 -0.51 0.88 15.73
C HIS A 101 -1.57 1.87 16.15
N THR A 102 -2.38 2.37 15.21
CA THR A 102 -3.43 3.38 15.53
C THR A 102 -4.73 3.08 14.80
N ASN A 103 -5.83 3.56 15.35
CA ASN A 103 -7.14 3.67 14.66
C ASN A 103 -7.56 2.32 14.06
N ARG A 104 -7.63 1.29 14.85
CA ARG A 104 -8.22 0.02 14.44
C ARG A 104 -9.61 0.26 13.86
N THR A 105 -9.91 -0.34 12.75
CA THR A 105 -11.21 -0.17 12.05
C THR A 105 -11.76 -1.54 11.69
N GLU A 106 -13.02 -1.80 11.98
CA GLU A 106 -13.68 -3.04 11.53
C GLU A 106 -13.79 -3.10 10.01
N GLY A 107 -13.66 -4.29 9.48
CA GLY A 107 -13.78 -4.58 8.06
C GLY A 107 -12.46 -4.84 7.43
N GLY A 108 -12.40 -5.91 6.65
CA GLY A 108 -11.16 -6.39 6.06
C GLY A 108 -11.25 -6.63 4.57
N ILE A 109 -10.37 -7.49 4.10
CA ILE A 109 -10.23 -7.78 2.66
C ILE A 109 -10.46 -9.26 2.43
N THR A 110 -10.63 -9.58 1.18
CA THR A 110 -10.87 -10.91 0.65
C THR A 110 -10.44 -10.90 -0.80
N LYS A 111 -10.29 -12.05 -1.41
CA LYS A 111 -9.99 -12.12 -2.85
C LYS A 111 -11.01 -11.24 -3.57
N GLY A 112 -10.53 -10.36 -4.41
CA GLY A 112 -11.34 -9.47 -5.22
C GLY A 112 -11.45 -8.10 -4.61
N ALA A 113 -11.08 -7.90 -3.34
CA ALA A 113 -11.22 -6.58 -2.73
C ALA A 113 -10.29 -5.59 -3.42
N THR A 114 -10.63 -4.33 -3.32
CA THR A 114 -9.76 -3.22 -3.76
CA THR A 114 -9.77 -3.22 -3.77
C THR A 114 -9.38 -2.38 -2.56
N ILE A 115 -8.11 -1.95 -2.52
CA ILE A 115 -7.58 -1.03 -1.51
C ILE A 115 -7.22 0.24 -2.23
N GLY A 116 -7.70 1.39 -1.79
CA GLY A 116 -7.34 2.67 -2.38
C GLY A 116 -6.51 3.48 -1.41
N VAL A 117 -5.56 4.22 -1.93
CA VAL A 117 -4.63 5.05 -1.14
C VAL A 117 -4.68 6.45 -1.70
N LEU A 118 -5.09 7.41 -0.89
CA LEU A 118 -5.22 8.82 -1.30
C LEU A 118 -4.18 9.66 -0.58
N LEU A 119 -3.19 10.11 -1.29
CA LEU A 119 -2.04 10.86 -0.77
C LEU A 119 -2.25 12.31 -1.14
N ASP A 120 -2.47 13.19 -0.15
CA ASP A 120 -2.91 14.59 -0.40
C ASP A 120 -1.90 15.52 0.23
N PHE A 121 -1.02 16.09 -0.56
CA PHE A 121 0.02 17.02 -0.05
C PHE A 121 -0.53 18.40 0.25
N ASN A 122 -1.69 18.75 -0.26
CA ASN A 122 -2.27 20.08 0.05
C ASN A 122 -2.84 20.07 1.46
N ARG A 123 -3.49 18.99 1.90
CA ARG A 123 -4.00 18.81 3.28
C ARG A 123 -2.98 18.08 4.17
N LYS A 124 -1.86 17.66 3.60
CA LYS A 124 -0.83 16.83 4.27
C LYS A 124 -1.50 15.64 4.92
N ASN A 125 -2.33 14.90 4.20
CA ASN A 125 -2.85 13.67 4.80
C ASN A 125 -2.92 12.48 3.87
N LEU A 126 -3.19 11.37 4.47
CA LEU A 126 -3.22 10.05 3.85
C LEU A 126 -4.50 9.37 4.28
N THR A 127 -5.34 8.99 3.35
CA THR A 127 -6.62 8.35 3.59
C THR A 127 -6.65 7.02 2.84
N PHE A 128 -7.26 6.01 3.44
CA PHE A 128 -7.39 4.68 2.87
C PHE A 128 -8.84 4.37 2.57
N PHE A 129 -9.05 3.53 1.55
CA PHE A 129 -10.35 3.05 1.08
C PHE A 129 -10.27 1.54 0.94
N ILE A 130 -11.37 0.88 1.25
CA ILE A 130 -11.55 -0.54 0.92
C ILE A 130 -12.88 -0.66 0.18
N ASN A 131 -12.82 -1.19 -1.01
CA ASN A 131 -14.03 -1.42 -1.85
C ASN A 131 -14.82 -0.11 -2.02
N ASP A 132 -14.11 0.98 -2.27
CA ASP A 132 -14.65 2.31 -2.64
C ASP A 132 -15.32 2.98 -1.44
N GLU A 133 -15.09 2.52 -0.22
CA GLU A 133 -15.56 3.20 1.00
C GLU A 133 -14.36 3.60 1.85
N GLN A 134 -14.33 4.79 2.43
CA GLN A 134 -13.24 5.22 3.30
C GLN A 134 -13.14 4.23 4.47
N GLN A 135 -11.94 3.76 4.76
CA GLN A 135 -11.65 2.85 5.88
C GLN A 135 -11.15 3.65 7.05
N GLY A 136 -12.00 3.86 8.06
CA GLY A 136 -11.56 4.55 9.26
C GLY A 136 -11.42 6.05 9.02
N PRO A 137 -10.85 6.76 10.01
CA PRO A 137 -10.57 8.17 9.86
C PRO A 137 -9.39 8.38 8.92
N ILE A 138 -9.13 9.64 8.56
CA ILE A 138 -7.85 10.05 7.93
C ILE A 138 -6.72 9.44 8.76
N ALA A 139 -5.82 8.72 8.14
CA ALA A 139 -4.87 7.88 8.87
C ALA A 139 -3.75 8.72 9.45
N PHE A 140 -3.22 9.65 8.66
CA PHE A 140 -2.06 10.45 9.05
C PHE A 140 -2.24 11.84 8.52
N ASP A 141 -1.75 12.84 9.25
CA ASP A 141 -1.99 14.27 8.98
C ASP A 141 -0.70 15.09 8.92
N ASN A 142 0.47 14.51 8.75
CA ASN A 142 1.72 15.31 8.61
C ASN A 142 2.50 14.75 7.41
N VAL A 143 1.79 14.56 6.31
CA VAL A 143 2.39 14.09 5.03
C VAL A 143 3.21 15.18 4.40
N GLU A 144 4.49 14.95 4.22
CA GLU A 144 5.30 15.88 3.42
C GLU A 144 6.55 15.18 2.92
N GLY A 145 7.20 15.80 1.95
CA GLY A 145 8.46 15.31 1.38
C GLY A 145 8.17 14.38 0.23
N LEU A 146 9.12 13.58 -0.14
CA LEU A 146 9.03 12.66 -1.28
C LEU A 146 8.54 11.28 -0.80
N PHE A 147 7.48 10.79 -1.41
CA PHE A 147 6.88 9.51 -1.08
C PHE A 147 6.71 8.64 -2.31
N PHE A 148 6.89 7.36 -2.12
CA PHE A 148 6.57 6.34 -3.15
C PHE A 148 5.42 5.50 -2.65
N PRO A 149 4.49 5.12 -3.53
CA PRO A 149 3.55 4.05 -3.21
C PRO A 149 4.30 2.84 -2.71
N ALA A 150 3.72 2.15 -1.74
CA ALA A 150 4.41 1.01 -1.09
C ALA A 150 3.40 -0.08 -0.76
N VAL A 151 3.86 -1.32 -0.87
CA VAL A 151 3.12 -2.54 -0.46
CA VAL A 151 3.11 -2.49 -0.36
C VAL A 151 4.08 -3.43 0.32
N SER A 152 3.62 -4.08 1.36
CA SER A 152 4.34 -5.22 1.94
C SER A 152 3.41 -6.42 1.98
N LEU A 153 3.91 -7.58 1.68
CA LEU A 153 3.08 -8.81 1.71
CA LEU A 153 3.09 -8.82 1.72
C LEU A 153 3.99 -10.04 1.77
N ASN A 154 3.36 -11.18 1.95
CA ASN A 154 4.05 -12.46 2.04
C ASN A 154 3.44 -13.41 1.01
N ARG A 155 3.84 -14.67 1.07
CA ARG A 155 3.48 -15.69 0.03
CA ARG A 155 3.47 -15.66 0.02
C ARG A 155 1.97 -16.00 0.06
N ASN A 156 1.21 -15.55 1.07
CA ASN A 156 -0.24 -15.82 1.12
C ASN A 156 -1.06 -14.77 0.38
N VAL A 157 -0.41 -13.76 -0.19
CA VAL A 157 -1.14 -12.64 -0.86
C VAL A 157 -0.52 -12.36 -2.21
N GLN A 158 -1.36 -12.02 -3.17
CA GLN A 158 -0.91 -11.44 -4.44
C GLN A 158 -1.78 -10.21 -4.66
N VAL A 159 -1.19 -9.11 -5.09
CA VAL A 159 -1.98 -7.91 -5.47
C VAL A 159 -1.55 -7.40 -6.83
N THR A 160 -2.47 -6.67 -7.46
CA THR A 160 -2.23 -5.99 -8.74
C THR A 160 -2.48 -4.51 -8.56
N LEU A 161 -1.54 -3.72 -9.03
CA LEU A 161 -1.53 -2.26 -8.96
C LEU A 161 -2.34 -1.67 -10.11
N HIS A 162 -3.26 -0.79 -9.78
CA HIS A 162 -4.06 -0.02 -10.73
C HIS A 162 -3.78 1.46 -10.55
N THR A 163 -3.18 2.05 -11.58
CA THR A 163 -2.89 3.49 -11.65
C THR A 163 -3.75 4.07 -12.75
N GLY A 164 -3.37 5.25 -13.23
CA GLY A 164 -4.21 6.01 -14.15
C GLY A 164 -5.59 6.36 -13.58
N LEU A 165 -5.68 6.52 -12.28
CA LEU A 165 -6.97 6.86 -11.62
C LEU A 165 -7.00 8.32 -11.19
N PRO A 166 -8.15 8.96 -11.30
CA PRO A 166 -8.38 10.24 -10.63
C PRO A 166 -8.78 10.04 -9.17
N VAL A 167 -8.91 11.13 -8.41
CA VAL A 167 -9.34 11.07 -6.99
C VAL A 167 -10.75 10.43 -6.87
N PRO A 168 -11.07 9.74 -5.75
CA PRO A 168 -12.36 9.03 -5.64
C PRO A 168 -13.62 9.87 -5.86
N ASP A 169 -13.58 11.13 -5.55
CA ASP A 169 -14.77 12.01 -5.69
C ASP A 169 -14.82 12.63 -7.08
N PHE A 170 -13.97 12.22 -8.04
CA PHE A 170 -13.78 12.99 -9.31
C PHE A 170 -15.11 13.08 -10.08
N TYR A 171 -15.84 11.98 -10.16
CA TYR A 171 -17.13 11.90 -10.91
C TYR A 171 -18.28 12.23 -9.97
N SER A 172 -19.51 12.21 -10.52
CA SER A 172 -20.78 12.41 -9.77
C SER A 172 -20.64 13.60 -8.80
#